data_2IXD
#
_entry.id   2IXD
#
_cell.length_a   75.892
_cell.length_b   75.892
_cell.length_c   404.699
_cell.angle_alpha   90.00
_cell.angle_beta   90.00
_cell.angle_gamma   120.00
#
_symmetry.space_group_name_H-M   'H 3 2'
#
loop_
_entity.id
_entity.type
_entity.pdbx_description
1 polymer 'LMBE-RELATED PROTEIN'
2 non-polymer 'ZINC ION'
3 non-polymer 'ACETATE ION'
4 water water
#
_entity_poly.entity_id   1
_entity_poly.type   'polypeptide(L)'
_entity_poly.pdbx_seq_one_letter_code
;MSGLHILAFGAHADDVEIGMAGTIAKYTKQGYEVGICDLTEADLSSNGTIELRKEEAKVAARIMGVKTRLNLAMPDRGLY
MKEEYIREIVKVIRTYKPKLVFAPYYEDRHPDHANCAKLVEEAIFSAGIRKYMPELSPHRVESFYNYMINGFHKPNFCID
ISEYLSIKVEALEAYESQFSTGSDGVKTPLTEGYVETVIAREKMFGKEVGVLYAEGFMSKKPVLLHADLLGGCKLGHHHH
HH
;
_entity_poly.pdbx_strand_id   A,B
#
loop_
_chem_comp.id
_chem_comp.type
_chem_comp.name
_chem_comp.formula
ACT non-polymer 'ACETATE ION' 'C2 H3 O2 -1'
ZN non-polymer 'ZINC ION' 'Zn 2'
#
# COMPACT_ATOMS: atom_id res chain seq x y z
N SER A 2 21.22 15.91 -10.56
CA SER A 2 21.18 14.56 -9.93
C SER A 2 19.89 13.81 -10.24
N GLY A 3 18.76 14.52 -10.21
CA GLY A 3 17.47 13.94 -10.50
C GLY A 3 16.43 14.21 -9.42
N LEU A 4 15.21 14.52 -9.84
CA LEU A 4 14.10 14.78 -8.92
C LEU A 4 13.72 13.51 -8.17
N HIS A 5 13.31 13.67 -6.92
CA HIS A 5 12.73 12.56 -6.18
C HIS A 5 11.30 12.33 -6.65
N ILE A 6 10.58 13.43 -6.85
CA ILE A 6 9.21 13.36 -7.35
C ILE A 6 8.99 14.34 -8.49
N LEU A 7 8.43 13.85 -9.58
CA LEU A 7 7.89 14.71 -10.61
C LEU A 7 6.39 14.46 -10.70
N ALA A 8 5.61 15.49 -10.44
CA ALA A 8 4.16 15.36 -10.48
C ALA A 8 3.61 16.11 -11.70
N PHE A 9 2.85 15.39 -12.50
CA PHE A 9 2.21 15.98 -13.67
C PHE A 9 0.77 16.33 -13.34
N GLY A 10 0.31 17.45 -13.89
CA GLY A 10 -1.09 17.77 -13.91
C GLY A 10 -1.46 18.20 -15.32
N ALA A 11 -2.75 18.14 -15.64
CA ALA A 11 -3.22 18.71 -16.90
C ALA A 11 -3.20 20.23 -16.82
N HIS A 12 -3.63 20.74 -15.66
CA HIS A 12 -3.77 22.17 -15.42
C HIS A 12 -3.10 22.51 -14.11
N ALA A 13 -2.49 23.70 -14.05
CA ALA A 13 -1.88 24.16 -12.81
C ALA A 13 -2.97 24.28 -11.74
N ASP A 14 -2.76 23.53 -10.66
CA ASP A 14 -3.68 23.35 -9.50
C ASP A 14 -4.08 21.89 -9.33
N ASP A 15 -3.93 21.11 -10.40
CA ASP A 15 -4.20 19.67 -10.39
C ASP A 15 -3.35 18.98 -9.34
N VAL A 16 -2.04 19.19 -9.44
CA VAL A 16 -1.08 18.56 -8.54
C VAL A 16 -1.34 19.00 -7.10
N GLU A 17 -1.63 20.29 -6.95
CA GLU A 17 -1.98 20.86 -5.65
C GLU A 17 -3.19 20.17 -5.03
N ILE A 18 -4.27 20.06 -5.80
CA ILE A 18 -5.50 19.39 -5.33
C ILE A 18 -5.20 17.96 -4.90
N GLY A 19 -4.43 17.25 -5.70
CA GLY A 19 -4.13 15.85 -5.45
C GLY A 19 -3.13 15.61 -4.35
N MET A 20 -2.12 16.47 -4.23
CA MET A 20 -0.96 16.12 -3.41
C MET A 20 -0.09 17.26 -2.89
N ALA A 21 -0.66 18.46 -2.77
CA ALA A 21 0.08 19.59 -2.20
C ALA A 21 0.64 19.27 -0.82
N GLY A 22 -0.14 18.55 0.00
CA GLY A 22 0.27 18.19 1.34
C GLY A 22 1.46 17.27 1.36
N THR A 23 1.41 16.24 0.50
CA THR A 23 2.49 15.28 0.35
C THR A 23 3.76 15.97 -0.13
N ILE A 24 3.61 16.80 -1.17
CA ILE A 24 4.74 17.53 -1.71
C ILE A 24 5.40 18.38 -0.62
N ALA A 25 4.59 19.16 0.10
CA ALA A 25 5.09 20.02 1.17
C ALA A 25 5.80 19.20 2.25
N LYS A 26 5.22 18.04 2.57
CA LYS A 26 5.77 17.15 3.57
C LYS A 26 7.17 16.69 3.19
N TYR A 27 7.35 16.32 1.93
CA TYR A 27 8.61 15.76 1.48
C TYR A 27 9.67 16.79 1.07
N THR A 28 9.25 17.94 0.53
CA THR A 28 10.21 19.03 0.27
C THR A 28 10.79 19.56 1.58
N LYS A 29 9.99 19.52 2.64
CA LYS A 29 10.43 19.94 3.96
C LYS A 29 11.50 19.00 4.53
N GLN A 30 11.42 17.74 4.12
CA GLN A 30 12.40 16.73 4.50
C GLN A 30 13.63 16.78 3.60
N GLY A 31 13.62 17.70 2.63
CA GLY A 31 14.77 17.95 1.78
C GLY A 31 14.73 17.24 0.44
N TYR A 32 13.63 16.55 0.15
CA TYR A 32 13.46 15.90 -1.15
C TYR A 32 13.14 16.93 -2.21
N GLU A 33 13.61 16.66 -3.42
CA GLU A 33 13.40 17.56 -4.53
C GLU A 33 12.20 17.10 -5.32
N VAL A 34 11.20 17.97 -5.43
CA VAL A 34 10.05 17.65 -6.26
C VAL A 34 9.81 18.74 -7.31
N GLY A 35 9.46 18.28 -8.50
CA GLY A 35 9.10 19.17 -9.58
C GLY A 35 7.65 18.95 -9.94
N ILE A 36 7.07 19.95 -10.59
CA ILE A 36 5.73 19.84 -11.11
C ILE A 36 5.78 20.17 -12.59
N CYS A 37 5.06 19.37 -13.39
CA CYS A 37 4.91 19.67 -14.79
C CYS A 37 3.44 19.76 -15.13
N ASP A 38 3.00 20.96 -15.47
CA ASP A 38 1.65 21.18 -15.97
C ASP A 38 1.66 20.98 -17.47
N LEU A 39 0.78 20.11 -17.98
CA LEU A 39 0.76 19.82 -19.40
C LEU A 39 0.22 20.99 -20.22
N THR A 40 -0.80 21.66 -19.69
CA THR A 40 -1.40 22.81 -20.36
C THR A 40 -1.32 24.07 -19.52
N GLU A 41 -1.63 25.20 -20.15
CA GLU A 41 -1.74 26.47 -19.46
C GLU A 41 -3.17 26.73 -19.03
N ALA A 42 -4.04 25.73 -19.18
CA ALA A 42 -5.45 25.82 -18.82
C ALA A 42 -6.09 27.08 -19.43
N ASP A 43 -5.88 27.25 -20.74
CA ASP A 43 -6.35 28.43 -21.44
C ASP A 43 -7.88 28.55 -21.52
N LEU A 44 -8.56 27.42 -21.31
CA LEU A 44 -10.02 27.39 -21.40
C LEU A 44 -10.70 27.53 -20.04
N SER A 45 -9.91 27.73 -18.99
CA SER A 45 -10.45 28.00 -17.65
C SER A 45 -11.35 29.23 -17.70
N SER A 46 -12.54 29.11 -17.11
CA SER A 46 -13.55 30.18 -17.15
C SER A 46 -13.03 31.47 -16.54
N ASN A 47 -12.22 31.35 -15.50
CA ASN A 47 -11.68 32.51 -14.79
C ASN A 47 -10.16 32.66 -14.93
N GLY A 48 -9.71 33.90 -14.94
CA GLY A 48 -8.29 34.22 -15.00
C GLY A 48 -7.74 34.26 -16.41
N THR A 49 -6.43 34.41 -16.50
CA THR A 49 -5.71 34.38 -17.76
C THR A 49 -4.56 33.39 -17.65
N ILE A 50 -3.95 33.03 -18.77
CA ILE A 50 -2.84 32.09 -18.76
C ILE A 50 -1.66 32.64 -17.94
N GLU A 51 -1.36 33.92 -18.10
CA GLU A 51 -0.27 34.56 -17.36
C GLU A 51 -0.54 34.56 -15.86
N LEU A 52 -1.74 34.98 -15.46
CA LEU A 52 -2.14 34.97 -14.06
C LEU A 52 -2.06 33.56 -13.49
N ARG A 53 -2.54 32.58 -14.25
CA ARG A 53 -2.50 31.18 -13.84
C ARG A 53 -1.06 30.70 -13.64
N LYS A 54 -0.16 31.12 -14.53
CA LYS A 54 1.25 30.78 -14.42
C LYS A 54 1.88 31.42 -13.18
N GLU A 55 1.46 32.63 -12.86
CA GLU A 55 1.95 33.35 -11.69
C GLU A 55 1.46 32.68 -10.41
N GLU A 56 0.20 32.26 -10.40
CA GLU A 56 -0.37 31.51 -9.28
C GLU A 56 0.33 30.17 -9.10
N ALA A 57 0.68 29.53 -10.22
CA ALA A 57 1.42 28.26 -10.21
C ALA A 57 2.79 28.43 -9.55
N LYS A 58 3.41 29.59 -9.78
CA LYS A 58 4.70 29.92 -9.18
C LYS A 58 4.57 30.14 -7.68
N VAL A 59 3.50 30.83 -7.27
CA VAL A 59 3.23 31.08 -5.85
C VAL A 59 2.95 29.76 -5.15
N ALA A 60 2.10 28.94 -5.76
CA ALA A 60 1.80 27.61 -5.23
C ALA A 60 3.05 26.75 -5.09
N ALA A 61 3.90 26.76 -6.12
CA ALA A 61 5.15 26.02 -6.12
C ALA A 61 6.04 26.40 -4.93
N ARG A 62 6.21 27.68 -4.69
CA ARG A 62 7.02 28.16 -3.57
C ARG A 62 6.42 27.77 -2.21
N ILE A 63 5.10 27.82 -2.09
CA ILE A 63 4.41 27.39 -0.88
C ILE A 63 4.71 25.90 -0.59
N MET A 64 4.70 25.09 -1.64
CA MET A 64 4.94 23.66 -1.54
C MET A 64 6.43 23.30 -1.47
N GLY A 65 7.30 24.29 -1.63
CA GLY A 65 8.73 24.07 -1.65
C GLY A 65 9.19 23.39 -2.94
N VAL A 66 8.39 23.55 -4.00
CA VAL A 66 8.73 23.04 -5.32
C VAL A 66 9.66 24.04 -6.01
N LYS A 67 10.87 23.58 -6.35
CA LYS A 67 11.88 24.44 -6.95
C LYS A 67 11.85 24.36 -8.48
N THR A 68 11.14 23.36 -9.01
CA THR A 68 11.06 23.13 -10.44
C THR A 68 9.61 23.03 -10.88
N ARG A 69 9.17 23.97 -11.71
CA ARG A 69 7.84 23.90 -12.29
C ARG A 69 7.88 24.19 -13.78
N LEU A 70 7.32 23.27 -14.56
CA LEU A 70 7.31 23.37 -16.01
C LEU A 70 5.90 23.40 -16.54
N ASN A 71 5.72 24.08 -17.66
CA ASN A 71 4.48 23.99 -18.41
C ASN A 71 4.78 23.61 -19.84
N LEU A 72 4.19 22.51 -20.29
CA LEU A 72 4.46 22.00 -21.63
C LEU A 72 3.63 22.68 -22.71
N ALA A 73 2.70 23.54 -22.28
CA ALA A 73 1.87 24.35 -23.17
C ALA A 73 1.10 23.53 -24.21
N MET A 74 0.71 22.32 -23.82
CA MET A 74 -0.20 21.52 -24.62
C MET A 74 -1.58 22.14 -24.48
N PRO A 75 -2.46 21.92 -25.46
CA PRO A 75 -3.78 22.55 -25.43
C PRO A 75 -4.70 21.98 -24.35
N ASP A 76 -5.26 22.90 -23.58
CA ASP A 76 -6.36 22.61 -22.67
C ASP A 76 -7.47 21.94 -23.49
N ARG A 77 -8.02 20.85 -22.97
CA ARG A 77 -9.03 20.07 -23.68
C ARG A 77 -8.53 19.48 -25.00
N GLY A 78 -7.22 19.28 -25.08
CA GLY A 78 -6.60 18.76 -26.30
C GLY A 78 -5.52 17.74 -26.02
N LEU A 79 -5.63 17.07 -24.86
CA LEU A 79 -4.64 16.08 -24.45
C LEU A 79 -4.89 14.73 -25.09
N TYR A 80 -5.02 14.73 -26.41
CA TYR A 80 -5.22 13.51 -27.18
C TYR A 80 -3.96 12.66 -27.13
N MET A 81 -4.12 11.37 -27.39
CA MET A 81 -3.00 10.44 -27.39
C MET A 81 -2.19 10.67 -28.66
N LYS A 82 -1.20 11.54 -28.55
CA LYS A 82 -0.40 11.96 -29.70
C LYS A 82 1.09 11.72 -29.43
N GLU A 83 1.78 11.21 -30.44
CA GLU A 83 3.21 10.95 -30.37
C GLU A 83 3.99 12.18 -29.89
N GLU A 84 3.66 13.34 -30.45
CA GLU A 84 4.36 14.58 -30.14
C GLU A 84 4.28 14.93 -28.65
N TYR A 85 3.13 14.64 -28.03
CA TYR A 85 2.92 14.94 -26.61
C TYR A 85 3.69 13.97 -25.74
N ILE A 86 3.66 12.69 -26.09
CA ILE A 86 4.43 11.67 -25.40
C ILE A 86 5.92 12.04 -25.46
N ARG A 87 6.37 12.41 -26.65
CA ARG A 87 7.75 12.84 -26.87
C ARG A 87 8.16 13.96 -25.91
N GLU A 88 7.30 14.98 -25.78
CA GLU A 88 7.57 16.13 -24.91
C GLU A 88 7.70 15.71 -23.44
N ILE A 89 6.82 14.82 -23.01
CA ILE A 89 6.84 14.33 -21.63
C ILE A 89 8.05 13.42 -21.38
N VAL A 90 8.37 12.59 -22.35
CA VAL A 90 9.58 11.75 -22.29
C VAL A 90 10.81 12.65 -22.07
N LYS A 91 10.87 13.74 -22.83
CA LYS A 91 11.97 14.69 -22.72
C LYS A 91 12.08 15.22 -21.29
N VAL A 92 10.93 15.57 -20.70
CA VAL A 92 10.86 16.04 -19.31
C VAL A 92 11.34 14.96 -18.34
N ILE A 93 10.83 13.74 -18.50
CA ILE A 93 11.19 12.64 -17.61
C ILE A 93 12.69 12.35 -17.70
N ARG A 94 13.21 12.30 -18.91
CA ARG A 94 14.64 12.01 -19.12
C ARG A 94 15.56 13.14 -18.64
N THR A 95 15.06 14.36 -18.65
CA THR A 95 15.83 15.52 -18.21
C THR A 95 15.92 15.56 -16.68
N TYR A 96 14.81 15.29 -16.03
CA TYR A 96 14.70 15.46 -14.58
C TYR A 96 14.85 14.18 -13.79
N LYS A 97 14.91 13.06 -14.50
CA LYS A 97 15.19 11.74 -13.92
C LYS A 97 14.45 11.51 -12.59
N PRO A 98 13.12 11.61 -12.59
CA PRO A 98 12.35 11.50 -11.35
C PRO A 98 12.31 10.06 -10.86
N LYS A 99 12.54 9.86 -9.56
CA LYS A 99 12.41 8.56 -8.93
C LYS A 99 10.95 8.12 -8.96
N LEU A 100 10.06 9.00 -8.52
CA LEU A 100 8.62 8.75 -8.61
C LEU A 100 7.98 9.77 -9.52
N VAL A 101 6.97 9.31 -10.25
CA VAL A 101 6.13 10.20 -11.06
C VAL A 101 4.69 10.07 -10.58
N PHE A 102 4.03 11.20 -10.47
CA PHE A 102 2.61 11.25 -10.14
C PHE A 102 1.85 11.91 -11.27
N ALA A 103 0.61 11.46 -11.47
CA ALA A 103 -0.30 12.06 -12.42
C ALA A 103 -1.70 11.87 -11.86
N PRO A 104 -2.71 12.53 -12.44
CA PRO A 104 -4.09 12.39 -11.96
C PRO A 104 -4.60 10.95 -12.12
N TYR A 105 -5.53 10.57 -11.26
CA TYR A 105 -6.22 9.30 -11.40
C TYR A 105 -7.28 9.45 -12.47
N TYR A 106 -7.44 8.41 -13.29
CA TYR A 106 -8.29 8.48 -14.47
C TYR A 106 -9.79 8.62 -14.20
N GLU A 107 -10.24 8.10 -13.06
CA GLU A 107 -11.66 8.14 -12.71
C GLU A 107 -12.00 9.53 -12.20
N ASP A 108 -12.28 10.42 -13.14
CA ASP A 108 -12.37 11.84 -12.85
C ASP A 108 -13.26 12.48 -13.90
N ARG A 109 -14.18 13.33 -13.44
CA ARG A 109 -15.17 13.99 -14.30
C ARG A 109 -14.53 14.86 -15.39
N HIS A 110 -13.31 15.32 -15.14
CA HIS A 110 -12.60 16.14 -16.11
C HIS A 110 -11.72 15.24 -16.97
N PRO A 111 -12.09 15.06 -18.23
CA PRO A 111 -11.41 14.10 -19.10
C PRO A 111 -9.95 14.41 -19.30
N ASP A 112 -9.54 15.67 -19.15
CA ASP A 112 -8.13 16.05 -19.28
C ASP A 112 -7.25 15.32 -18.27
N HIS A 113 -7.84 15.01 -17.12
CA HIS A 113 -7.09 14.39 -16.04
C HIS A 113 -6.70 12.95 -16.38
N ALA A 114 -7.68 12.16 -16.84
CA ALA A 114 -7.41 10.83 -17.39
C ALA A 114 -6.46 10.92 -18.58
N ASN A 115 -6.69 11.88 -19.47
CA ASN A 115 -5.88 12.03 -20.67
C ASN A 115 -4.43 12.36 -20.33
N CYS A 116 -4.24 13.22 -19.32
CA CYS A 116 -2.93 13.52 -18.78
C CYS A 116 -2.25 12.25 -18.26
N ALA A 117 -2.97 11.50 -17.41
CA ALA A 117 -2.43 10.25 -16.85
C ALA A 117 -2.01 9.27 -17.94
N LYS A 118 -2.81 9.16 -18.99
CA LYS A 118 -2.55 8.24 -20.10
C LYS A 118 -1.30 8.64 -20.86
N LEU A 119 -1.17 9.92 -21.16
CA LEU A 119 0.03 10.44 -21.81
C LEU A 119 1.26 10.16 -20.94
N VAL A 120 1.15 10.46 -19.65
CA VAL A 120 2.26 10.30 -18.73
C VAL A 120 2.68 8.84 -18.62
N GLU A 121 1.69 7.95 -18.58
CA GLU A 121 1.98 6.51 -18.52
C GLU A 121 2.75 6.04 -19.74
N GLU A 122 2.30 6.46 -20.92
CA GLU A 122 2.99 6.12 -22.16
C GLU A 122 4.41 6.68 -22.15
N ALA A 123 4.54 7.93 -21.71
CA ALA A 123 5.83 8.61 -21.70
C ALA A 123 6.81 7.95 -20.72
N ILE A 124 6.30 7.55 -19.55
CA ILE A 124 7.11 6.86 -18.55
C ILE A 124 7.72 5.60 -19.14
N PHE A 125 6.89 4.83 -19.83
CA PHE A 125 7.39 3.60 -20.43
C PHE A 125 8.44 3.88 -21.49
N SER A 126 8.14 4.80 -22.41
CA SER A 126 9.07 5.14 -23.47
C SER A 126 10.34 5.83 -22.96
N ALA A 127 10.23 6.52 -21.84
CA ALA A 127 11.38 7.18 -21.22
C ALA A 127 12.50 6.19 -20.88
N GLY A 128 12.12 4.96 -20.55
CA GLY A 128 13.08 3.92 -20.20
C GLY A 128 13.64 3.13 -21.38
N ILE A 129 13.18 3.46 -22.59
CA ILE A 129 13.60 2.74 -23.79
C ILE A 129 14.73 3.48 -24.49
N ARG A 130 15.94 2.92 -24.43
CA ARG A 130 17.14 3.55 -24.98
C ARG A 130 16.98 3.95 -26.45
N LYS A 131 16.49 3.01 -27.26
CA LYS A 131 16.41 3.22 -28.71
C LYS A 131 15.35 4.24 -29.10
N TYR A 132 14.45 4.55 -28.18
CA TYR A 132 13.46 5.60 -28.38
C TYR A 132 14.09 6.94 -28.05
N MET A 133 14.03 7.88 -28.99
CA MET A 133 14.62 9.21 -28.81
C MET A 133 16.06 9.11 -28.25
N PRO A 134 16.95 8.45 -29.01
CA PRO A 134 18.28 8.11 -28.51
C PRO A 134 19.17 9.31 -28.20
N GLU A 135 18.74 10.51 -28.60
CA GLU A 135 19.49 11.74 -28.34
C GLU A 135 19.48 12.11 -26.86
N LEU A 136 18.53 11.54 -26.11
CA LEU A 136 18.46 11.71 -24.66
C LEU A 136 18.61 10.36 -23.98
N SER A 137 19.48 10.30 -22.96
CA SER A 137 19.71 9.06 -22.22
C SER A 137 18.42 8.61 -21.54
N PRO A 138 18.16 7.30 -21.56
CA PRO A 138 16.91 6.78 -21.00
C PRO A 138 16.85 6.92 -19.49
N HIS A 139 15.63 6.93 -18.94
CA HIS A 139 15.46 6.94 -17.50
C HIS A 139 14.34 6.01 -17.10
N ARG A 140 14.62 5.17 -16.10
CA ARG A 140 13.61 4.27 -15.55
C ARG A 140 13.01 4.88 -14.29
N VAL A 141 11.79 5.35 -14.41
CA VAL A 141 11.02 5.81 -13.25
C VAL A 141 10.77 4.59 -12.37
N GLU A 142 10.98 4.76 -11.06
CA GLU A 142 10.83 3.65 -10.12
C GLU A 142 9.37 3.27 -9.94
N SER A 143 8.53 4.26 -9.68
CA SER A 143 7.11 4.04 -9.47
C SER A 143 6.30 5.20 -10.03
N PHE A 144 5.12 4.85 -10.53
CA PHE A 144 4.14 5.79 -11.04
C PHE A 144 2.91 5.68 -10.16
N TYR A 145 2.51 6.79 -9.56
CA TYR A 145 1.33 6.82 -8.71
C TYR A 145 0.36 7.87 -9.19
N ASN A 146 -0.91 7.69 -8.85
CA ASN A 146 -1.94 8.65 -9.21
C ASN A 146 -2.47 9.35 -7.99
N TYR A 147 -2.58 10.66 -8.08
CA TYR A 147 -3.28 11.43 -7.06
C TYR A 147 -4.71 11.68 -7.53
N MET A 148 -5.55 12.16 -6.63
CA MET A 148 -6.94 12.38 -6.95
C MET A 148 -7.26 13.85 -7.04
N ILE A 149 -7.91 14.25 -8.13
CA ILE A 149 -8.38 15.63 -8.25
C ILE A 149 -9.86 15.68 -7.90
N ASN A 150 -10.71 15.35 -8.86
CA ASN A 150 -12.14 15.37 -8.63
C ASN A 150 -12.64 14.07 -8.05
N GLY A 151 -13.59 14.19 -7.13
CA GLY A 151 -14.18 13.03 -6.49
C GLY A 151 -13.20 12.30 -5.60
N PHE A 152 -13.40 11.00 -5.49
CA PHE A 152 -12.72 10.19 -4.50
C PHE A 152 -12.83 8.73 -4.87
N HIS A 153 -11.87 7.96 -4.39
CA HIS A 153 -11.78 6.54 -4.64
C HIS A 153 -11.13 5.99 -3.39
N LYS A 154 -11.37 4.72 -3.11
CA LYS A 154 -10.63 4.03 -2.06
C LYS A 154 -9.16 4.06 -2.45
N PRO A 155 -8.33 4.77 -1.67
CA PRO A 155 -6.91 4.90 -2.01
C PRO A 155 -6.17 3.58 -1.79
N ASN A 156 -5.20 3.30 -2.66
CA ASN A 156 -4.31 2.16 -2.46
C ASN A 156 -3.38 2.45 -1.30
N PHE A 157 -2.89 3.68 -1.25
CA PHE A 157 -2.11 4.13 -0.12
C PHE A 157 -2.40 5.57 0.23
N CYS A 158 -2.06 5.93 1.46
CA CYS A 158 -2.23 7.27 1.96
C CYS A 158 -0.92 7.83 2.47
N ILE A 159 -0.84 9.15 2.44
CA ILE A 159 0.26 9.87 3.08
C ILE A 159 -0.39 10.77 4.12
N ASP A 160 0.06 10.67 5.36
CA ASP A 160 -0.41 11.53 6.42
C ASP A 160 0.05 12.96 6.15
N ILE A 161 -0.91 13.84 5.91
CA ILE A 161 -0.60 15.25 5.67
C ILE A 161 -1.18 16.17 6.75
N SER A 162 -1.45 15.60 7.92
CA SER A 162 -2.08 16.35 9.03
C SER A 162 -1.32 17.64 9.35
N GLU A 163 0.01 17.56 9.40
CA GLU A 163 0.84 18.70 9.73
C GLU A 163 1.02 19.68 8.57
N TYR A 164 0.55 19.29 7.39
CA TYR A 164 0.79 20.05 6.16
C TYR A 164 -0.48 20.48 5.43
N LEU A 165 -1.63 20.25 6.08
CA LEU A 165 -2.93 20.63 5.53
C LEU A 165 -3.04 22.14 5.30
N SER A 166 -2.59 22.94 6.26
CA SER A 166 -2.61 24.40 6.13
C SER A 166 -1.80 24.86 4.92
N ILE A 167 -0.66 24.21 4.68
CA ILE A 167 0.17 24.50 3.52
C ILE A 167 -0.52 24.11 2.22
N LYS A 168 -1.22 22.98 2.23
CA LYS A 168 -2.02 22.56 1.08
C LYS A 168 -3.12 23.58 0.77
N VAL A 169 -3.81 24.04 1.80
CA VAL A 169 -4.86 25.04 1.64
C VAL A 169 -4.24 26.33 1.10
N GLU A 170 -3.09 26.73 1.63
CA GLU A 170 -2.34 27.88 1.13
C GLU A 170 -1.97 27.72 -0.34
N ALA A 171 -1.47 26.53 -0.71
CA ALA A 171 -1.13 26.23 -2.09
C ALA A 171 -2.35 26.32 -2.99
N LEU A 172 -3.48 25.80 -2.51
CA LEU A 172 -4.74 25.86 -3.24
C LEU A 172 -5.27 27.30 -3.36
N GLU A 173 -5.17 28.04 -2.25
CA GLU A 173 -5.64 29.43 -2.21
C GLU A 173 -4.81 30.36 -3.10
N ALA A 174 -3.60 29.94 -3.43
CA ALA A 174 -2.76 30.69 -4.36
C ALA A 174 -3.44 30.85 -5.71
N TYR A 175 -4.29 29.89 -6.06
CA TYR A 175 -5.10 29.95 -7.27
C TYR A 175 -6.39 30.71 -7.04
N GLU A 176 -6.23 32.00 -6.74
CA GLU A 176 -7.32 32.92 -6.48
C GLU A 176 -8.33 32.92 -7.63
N SER A 177 -7.82 32.94 -8.86
CA SER A 177 -8.66 32.97 -10.06
C SER A 177 -9.55 31.73 -10.19
N GLN A 178 -9.10 30.61 -9.63
CA GLN A 178 -9.79 29.33 -9.79
C GLN A 178 -10.87 29.04 -8.74
N PHE A 179 -10.56 29.31 -7.48
CA PHE A 179 -11.42 28.89 -6.37
C PHE A 179 -12.17 30.04 -5.69
N SER A 180 -11.93 31.26 -6.17
CA SER A 180 -12.61 32.44 -5.63
C SER A 180 -13.13 33.33 -6.76
N THR A 181 -14.30 33.93 -6.55
CA THR A 181 -14.95 34.78 -7.54
C THR A 181 -14.18 36.09 -7.76
N GLY A 182 -13.89 36.80 -6.66
CA GLY A 182 -13.19 38.07 -6.74
C GLY A 182 -14.09 39.20 -7.20
N SER A 183 -13.58 40.00 -8.13
CA SER A 183 -14.31 41.19 -8.61
C SER A 183 -15.00 40.99 -9.96
N ASP A 184 -14.44 40.12 -10.80
CA ASP A 184 -14.96 39.90 -12.15
C ASP A 184 -14.99 38.42 -12.56
N GLY A 185 -14.96 37.54 -11.56
CA GLY A 185 -15.01 36.10 -11.80
C GLY A 185 -16.44 35.56 -11.90
N VAL A 186 -16.56 34.36 -12.44
CA VAL A 186 -17.86 33.69 -12.56
C VAL A 186 -17.92 32.42 -11.69
N LYS A 187 -19.14 32.00 -11.37
CA LYS A 187 -19.35 30.83 -10.53
C LYS A 187 -19.15 29.52 -11.30
N THR A 188 -18.20 28.72 -10.83
CA THR A 188 -17.91 27.40 -11.39
C THR A 188 -17.91 26.37 -10.26
N PRO A 189 -17.93 25.07 -10.60
CA PRO A 189 -17.76 24.02 -9.58
C PRO A 189 -16.53 24.19 -8.71
N LEU A 190 -15.51 24.88 -9.21
CA LEU A 190 -14.28 25.15 -8.48
C LEU A 190 -14.41 26.30 -7.49
N THR A 191 -15.34 27.20 -7.76
CA THR A 191 -15.57 28.38 -6.92
C THR A 191 -16.51 28.08 -5.77
N GLU A 192 -17.37 27.07 -5.94
CA GLU A 192 -18.43 26.79 -4.97
C GLU A 192 -18.13 25.60 -4.06
N GLY A 193 -17.42 25.87 -2.97
CA GLY A 193 -17.10 24.88 -1.95
C GLY A 193 -16.20 23.75 -2.41
N TYR A 194 -15.30 24.05 -3.34
CA TYR A 194 -14.40 23.04 -3.89
C TYR A 194 -13.22 22.74 -2.97
N VAL A 195 -12.53 23.79 -2.53
CA VAL A 195 -11.39 23.66 -1.62
C VAL A 195 -11.82 22.99 -0.31
N GLU A 196 -13.02 23.34 0.15
CA GLU A 196 -13.64 22.71 1.30
C GLU A 196 -13.84 21.20 1.06
N THR A 197 -14.21 20.85 -0.17
CA THR A 197 -14.42 19.45 -0.56
C THR A 197 -13.09 18.69 -0.55
N VAL A 198 -12.03 19.35 -1.00
CA VAL A 198 -10.70 18.75 -1.01
C VAL A 198 -10.23 18.44 0.42
N ILE A 199 -10.40 19.41 1.31
CA ILE A 199 -10.13 19.24 2.74
C ILE A 199 -10.97 18.09 3.32
N ALA A 200 -12.25 18.08 2.98
CA ALA A 200 -13.17 17.02 3.39
C ALA A 200 -12.68 15.64 2.98
N ARG A 201 -12.22 15.50 1.73
CA ARG A 201 -11.72 14.22 1.25
C ARG A 201 -10.53 13.76 2.07
N GLU A 202 -9.60 14.69 2.31
CA GLU A 202 -8.39 14.41 3.06
C GLU A 202 -8.71 14.09 4.52
N LYS A 203 -9.75 14.70 5.07
CA LYS A 203 -10.25 14.37 6.40
C LYS A 203 -10.79 12.95 6.42
N MET A 204 -11.56 12.62 5.37
CA MET A 204 -12.13 11.30 5.19
C MET A 204 -11.05 10.22 5.07
N PHE A 205 -10.05 10.48 4.24
CA PHE A 205 -8.93 9.56 4.04
C PHE A 205 -8.10 9.47 5.31
N GLY A 206 -7.94 10.60 5.99
CA GLY A 206 -7.27 10.66 7.26
C GLY A 206 -7.87 9.70 8.26
N LYS A 207 -9.18 9.77 8.44
CA LYS A 207 -9.89 8.90 9.38
C LYS A 207 -9.66 7.42 9.06
N GLU A 208 -9.66 7.09 7.77
CA GLU A 208 -9.42 5.73 7.29
C GLU A 208 -8.12 5.14 7.82
N VAL A 209 -7.08 5.97 7.91
CA VAL A 209 -5.76 5.51 8.31
C VAL A 209 -5.36 5.97 9.71
N GLY A 210 -6.31 6.55 10.44
CA GLY A 210 -6.12 6.92 11.83
C GLY A 210 -5.39 8.23 12.04
N VAL A 211 -5.41 9.11 11.05
CA VAL A 211 -4.80 10.44 11.16
C VAL A 211 -5.82 11.53 10.86
N LEU A 212 -5.46 12.80 11.12
CA LEU A 212 -6.39 13.91 10.90
C LEU A 212 -6.67 14.14 9.41
N TYR A 213 -5.60 14.22 8.62
CA TYR A 213 -5.70 14.47 7.19
C TYR A 213 -4.70 13.62 6.46
N ALA A 214 -5.17 12.93 5.43
CA ALA A 214 -4.30 12.10 4.61
C ALA A 214 -4.66 12.30 3.15
N GLU A 215 -3.63 12.30 2.30
CA GLU A 215 -3.86 12.29 0.87
C GLU A 215 -3.86 10.86 0.38
N GLY A 216 -4.74 10.59 -0.59
CA GLY A 216 -4.93 9.24 -1.09
C GLY A 216 -4.36 9.08 -2.48
N PHE A 217 -3.74 7.95 -2.71
CA PHE A 217 -3.07 7.68 -3.97
C PHE A 217 -3.40 6.32 -4.52
N MET A 218 -3.34 6.21 -5.84
CA MET A 218 -3.55 4.97 -6.52
C MET A 218 -2.23 4.47 -7.07
N SER A 219 -2.09 3.16 -7.11
CA SER A 219 -0.90 2.51 -7.64
C SER A 219 -1.33 1.25 -8.35
N LYS A 220 -0.88 1.09 -9.60
CA LYS A 220 -1.20 -0.11 -10.37
C LYS A 220 -0.54 -1.36 -9.79
N LYS A 221 0.63 -1.18 -9.18
CA LYS A 221 1.32 -2.28 -8.51
C LYS A 221 1.11 -2.21 -7.01
N PRO A 222 1.23 -3.34 -6.30
CA PRO A 222 1.15 -3.30 -4.84
C PRO A 222 2.24 -2.38 -4.32
N VAL A 223 1.96 -1.59 -3.29
CA VAL A 223 3.03 -0.78 -2.69
C VAL A 223 3.97 -1.70 -1.94
N LEU A 224 5.27 -1.40 -2.05
CA LEU A 224 6.31 -2.15 -1.38
C LEU A 224 6.56 -1.54 -0.02
N LEU A 225 6.30 -2.31 1.03
CA LEU A 225 6.55 -1.87 2.40
C LEU A 225 7.89 -2.40 2.89
N HIS A 226 8.63 -1.54 3.58
CA HIS A 226 9.86 -1.95 4.23
C HIS A 226 9.85 -1.40 5.65
N ALA A 227 10.00 -0.09 5.78
CA ALA A 227 10.05 0.58 7.08
C ALA A 227 8.67 0.92 7.63
N ASP A 228 7.69 1.10 6.75
CA ASP A 228 6.35 1.55 7.16
C ASP A 228 5.47 0.47 7.74
N LEU A 229 5.90 -0.80 7.65
CA LEU A 229 5.14 -1.89 8.25
C LEU A 229 5.11 -1.73 9.76
N LEU A 230 6.29 -1.61 10.36
CA LEU A 230 6.39 -1.49 11.82
C LEU A 230 6.90 -0.12 12.27
N GLY A 231 7.15 0.78 11.31
CA GLY A 231 7.58 2.13 11.61
C GLY A 231 9.08 2.22 11.88
N GLY A 232 9.50 3.34 12.47
CA GLY A 232 10.90 3.55 12.80
C GLY A 232 11.73 4.18 11.68
N CYS A 233 11.20 4.15 10.46
CA CYS A 233 11.83 4.70 9.26
C CYS A 233 13.11 3.98 8.82
N LYS A 234 13.76 3.25 9.57
N SER B 2 7.25 -4.37 25.45
CA SER B 2 6.71 -5.58 26.14
C SER B 2 5.83 -6.42 25.21
N GLY B 3 5.01 -5.76 24.39
CA GLY B 3 4.14 -6.46 23.47
C GLY B 3 4.82 -6.90 22.18
N LEU B 4 4.28 -7.95 21.56
CA LEU B 4 4.76 -8.42 20.26
C LEU B 4 4.62 -7.32 19.21
N HIS B 5 5.53 -7.29 18.25
CA HIS B 5 5.38 -6.40 17.10
C HIS B 5 4.38 -6.99 16.14
N ILE B 6 4.47 -8.30 15.93
CA ILE B 6 3.55 -9.01 15.06
C ILE B 6 3.01 -10.25 15.74
N LEU B 7 1.70 -10.42 15.68
CA LEU B 7 1.09 -11.69 16.01
C LEU B 7 0.36 -12.19 14.78
N ALA B 8 0.80 -13.35 14.29
CA ALA B 8 0.20 -13.93 13.10
C ALA B 8 -0.62 -15.14 13.50
N PHE B 9 -1.88 -15.12 13.10
CA PHE B 9 -2.80 -16.21 13.32
C PHE B 9 -2.90 -17.06 12.07
N GLY B 10 -3.04 -18.37 12.28
CA GLY B 10 -3.38 -19.28 11.22
C GLY B 10 -4.44 -20.21 11.77
N ALA B 11 -5.14 -20.90 10.89
CA ALA B 11 -6.08 -21.93 11.32
C ALA B 11 -5.29 -23.18 11.70
N HIS B 12 -4.28 -23.49 10.90
CA HIS B 12 -3.46 -24.68 11.07
C HIS B 12 -1.98 -24.29 11.00
N ALA B 13 -1.15 -25.00 11.74
CA ALA B 13 0.29 -24.75 11.67
C ALA B 13 0.77 -25.03 10.26
N ASP B 14 1.43 -24.02 9.69
CA ASP B 14 1.95 -23.96 8.30
C ASP B 14 1.25 -22.84 7.52
N ASP B 15 0.06 -22.47 7.98
CA ASP B 15 -0.70 -21.34 7.40
C ASP B 15 0.12 -20.07 7.38
N VAL B 16 0.64 -19.69 8.54
CA VAL B 16 1.40 -18.46 8.67
C VAL B 16 2.67 -18.53 7.83
N GLU B 17 3.30 -19.71 7.85
CA GLU B 17 4.50 -19.95 7.06
C GLU B 17 4.23 -19.74 5.57
N ILE B 18 3.17 -20.36 5.07
CA ILE B 18 2.81 -20.22 3.66
C ILE B 18 2.60 -18.75 3.30
N GLY B 19 1.89 -18.05 4.17
CA GLY B 19 1.56 -16.66 3.92
C GLY B 19 2.71 -15.70 4.10
N MET B 20 3.55 -15.93 5.10
CA MET B 20 4.46 -14.87 5.52
C MET B 20 5.72 -15.30 6.27
N ALA B 21 6.18 -16.54 6.07
CA ALA B 21 7.42 -16.98 6.70
C ALA B 21 8.59 -16.06 6.34
N GLY B 22 8.60 -15.58 5.10
CA GLY B 22 9.66 -14.69 4.62
C GLY B 22 9.67 -13.36 5.35
N THR B 23 8.50 -12.75 5.47
CA THR B 23 8.30 -11.48 6.18
C THR B 23 8.66 -11.64 7.66
N ILE B 24 8.15 -12.70 8.29
CA ILE B 24 8.45 -12.99 9.69
C ILE B 24 9.97 -13.11 9.89
N ALA B 25 10.62 -13.92 9.05
CA ALA B 25 12.06 -14.09 9.12
C ALA B 25 12.79 -12.77 8.93
N LYS B 26 12.33 -11.98 7.96
CA LYS B 26 12.94 -10.68 7.66
C LYS B 26 12.92 -9.78 8.89
N TYR B 27 11.78 -9.76 9.58
CA TYR B 27 11.59 -8.84 10.68
C TYR B 27 12.15 -9.34 12.02
N THR B 28 12.13 -10.65 12.25
CA THR B 28 12.76 -11.21 13.46
C THR B 28 14.28 -11.02 13.42
N LYS B 29 14.85 -11.09 12.20
CA LYS B 29 16.28 -10.86 12.01
C LYS B 29 16.66 -9.42 12.36
N GLN B 30 15.70 -8.50 12.21
CA GLN B 30 15.90 -7.10 12.56
C GLN B 30 15.67 -6.84 14.05
N GLY B 31 15.29 -7.89 14.79
CA GLY B 31 15.09 -7.80 16.22
C GLY B 31 13.65 -7.60 16.66
N TYR B 32 12.72 -7.63 15.70
CA TYR B 32 11.30 -7.52 16.03
C TYR B 32 10.80 -8.82 16.61
N GLU B 33 9.87 -8.72 17.56
CA GLU B 33 9.28 -9.89 18.20
C GLU B 33 8.03 -10.29 17.44
N VAL B 34 8.04 -11.51 16.93
CA VAL B 34 6.90 -12.05 16.21
C VAL B 34 6.40 -13.29 16.94
N GLY B 35 5.09 -13.33 17.16
CA GLY B 35 4.44 -14.51 17.68
C GLY B 35 3.51 -15.09 16.64
N ILE B 36 3.29 -16.39 16.75
CA ILE B 36 2.33 -17.09 15.92
C ILE B 36 1.32 -17.76 16.83
N CYS B 37 0.06 -17.63 16.45
CA CYS B 37 -0.99 -18.37 17.13
C CYS B 37 -1.77 -19.18 16.10
N ASP B 38 -1.71 -20.49 16.20
CA ASP B 38 -2.50 -21.37 15.36
C ASP B 38 -3.77 -21.71 16.13
N LEU B 39 -4.92 -21.54 15.48
CA LEU B 39 -6.21 -21.71 16.15
C LEU B 39 -6.50 -23.17 16.46
N THR B 40 -6.06 -24.06 15.58
CA THR B 40 -6.30 -25.49 15.74
C THR B 40 -5.00 -26.28 15.68
N GLU B 41 -5.08 -27.55 16.10
CA GLU B 41 -3.95 -28.47 15.98
C GLU B 41 -4.01 -29.26 14.68
N ALA B 42 -4.85 -28.80 13.75
CA ALA B 42 -5.02 -29.45 12.45
C ALA B 42 -5.27 -30.95 12.60
N ASP B 43 -6.20 -31.28 13.50
CA ASP B 43 -6.49 -32.65 13.91
C ASP B 43 -6.98 -33.53 12.76
N LEU B 44 -7.50 -32.89 11.72
CA LEU B 44 -8.10 -33.59 10.59
C LEU B 44 -7.20 -33.64 9.35
N SER B 45 -5.97 -33.14 9.46
CA SER B 45 -5.03 -33.17 8.34
C SER B 45 -4.86 -34.58 7.80
N SER B 46 -4.84 -34.71 6.48
CA SER B 46 -4.78 -36.01 5.81
C SER B 46 -3.53 -36.77 6.20
N ASN B 47 -2.40 -36.06 6.22
CA ASN B 47 -1.13 -36.63 6.58
C ASN B 47 -0.61 -36.10 7.90
N GLY B 48 0.12 -36.93 8.63
CA GLY B 48 0.68 -36.57 9.91
C GLY B 48 -0.30 -36.79 11.06
N THR B 49 0.14 -36.36 12.24
CA THR B 49 -0.64 -36.45 13.47
C THR B 49 -0.46 -35.12 14.20
N ILE B 50 -1.30 -34.88 15.20
CA ILE B 50 -1.15 -33.69 16.04
C ILE B 50 0.26 -33.61 16.62
N GLU B 51 0.75 -34.77 17.09
CA GLU B 51 2.10 -34.93 17.65
C GLU B 51 3.16 -34.42 16.69
N LEU B 52 3.20 -34.98 15.49
CA LEU B 52 4.19 -34.62 14.48
C LEU B 52 4.08 -33.16 14.07
N ARG B 53 2.84 -32.68 13.93
CA ARG B 53 2.55 -31.32 13.52
C ARG B 53 3.01 -30.29 14.53
N LYS B 54 2.82 -30.60 15.82
CA LYS B 54 3.27 -29.74 16.91
C LYS B 54 4.79 -29.56 16.86
N GLU B 55 5.50 -30.66 16.66
CA GLU B 55 6.96 -30.65 16.57
C GLU B 55 7.43 -29.87 15.35
N GLU B 56 6.77 -30.10 14.21
CA GLU B 56 7.08 -29.39 12.97
C GLU B 56 6.85 -27.89 13.13
N ALA B 57 5.79 -27.52 13.83
CA ALA B 57 5.47 -26.11 14.09
C ALA B 57 6.56 -25.45 14.94
N LYS B 58 7.17 -26.22 15.83
CA LYS B 58 8.26 -25.73 16.66
C LYS B 58 9.53 -25.53 15.83
N VAL B 59 9.80 -26.48 14.95
CA VAL B 59 10.92 -26.40 14.03
C VAL B 59 10.75 -25.19 13.11
N ALA B 60 9.56 -25.04 12.54
CA ALA B 60 9.26 -23.89 11.68
C ALA B 60 9.43 -22.56 12.42
N ALA B 61 8.91 -22.50 13.65
CA ALA B 61 9.03 -21.29 14.47
C ALA B 61 10.50 -20.92 14.68
N ARG B 62 11.30 -21.92 15.02
CA ARG B 62 12.75 -21.78 15.20
C ARG B 62 13.39 -21.21 13.93
N ILE B 63 13.09 -21.82 12.79
CA ILE B 63 13.61 -21.37 11.50
C ILE B 63 13.28 -19.89 11.24
N MET B 64 12.06 -19.49 11.58
CA MET B 64 11.59 -18.13 11.34
C MET B 64 12.04 -17.12 12.40
N GLY B 65 12.65 -17.60 13.47
CA GLY B 65 13.05 -16.75 14.59
C GLY B 65 11.88 -16.34 15.46
N VAL B 66 10.79 -17.11 15.39
CA VAL B 66 9.60 -16.88 16.20
C VAL B 66 9.81 -17.54 17.56
N LYS B 67 9.76 -16.74 18.61
CA LYS B 67 10.04 -17.22 19.97
C LYS B 67 8.75 -17.64 20.67
N THR B 68 7.63 -17.11 20.21
CA THR B 68 6.33 -17.36 20.82
C THR B 68 5.43 -18.06 19.81
N ARG B 69 5.12 -19.32 20.06
CA ARG B 69 4.09 -19.98 19.26
C ARG B 69 3.03 -20.62 20.15
N LEU B 70 1.79 -20.25 19.89
CA LEU B 70 0.66 -20.72 20.66
C LEU B 70 -0.24 -21.56 19.78
N ASN B 71 -0.98 -22.47 20.41
CA ASN B 71 -2.03 -23.18 19.72
C ASN B 71 -3.26 -23.19 20.60
N LEU B 72 -4.40 -22.77 20.05
CA LEU B 72 -5.62 -22.66 20.83
C LEU B 72 -6.45 -23.94 20.85
N ALA B 73 -6.01 -24.92 20.07
CA ALA B 73 -6.63 -26.25 20.03
C ALA B 73 -8.15 -26.20 19.80
N MET B 74 -8.59 -25.21 19.02
CA MET B 74 -9.96 -25.18 18.53
C MET B 74 -10.12 -26.29 17.50
N PRO B 75 -11.36 -26.74 17.25
CA PRO B 75 -11.57 -27.84 16.32
C PRO B 75 -11.17 -27.48 14.90
N ASP B 76 -10.31 -28.31 14.30
CA ASP B 76 -10.07 -28.27 12.86
C ASP B 76 -11.42 -28.40 12.18
N ARG B 77 -11.68 -27.55 11.19
CA ARG B 77 -12.96 -27.53 10.48
C ARG B 77 -14.14 -27.19 11.38
N GLY B 78 -13.84 -26.57 12.51
CA GLY B 78 -14.88 -26.19 13.46
C GLY B 78 -14.75 -24.75 13.90
N LEU B 79 -14.14 -23.93 13.05
CA LEU B 79 -13.91 -22.53 13.37
C LEU B 79 -15.15 -21.68 13.12
N TYR B 80 -16.25 -22.08 13.74
CA TYR B 80 -17.49 -21.32 13.63
C TYR B 80 -17.38 -20.00 14.38
N MET B 81 -18.22 -19.06 13.99
CA MET B 81 -18.27 -17.75 14.62
C MET B 81 -18.92 -17.91 15.99
N LYS B 82 -18.10 -18.24 16.98
CA LYS B 82 -18.59 -18.51 18.34
C LYS B 82 -17.96 -17.56 19.33
N GLU B 83 -18.78 -17.07 20.26
CA GLU B 83 -18.30 -16.18 21.32
C GLU B 83 -17.10 -16.77 22.06
N GLU B 84 -17.20 -18.05 22.41
CA GLU B 84 -16.13 -18.73 23.15
C GLU B 84 -14.79 -18.63 22.43
N TYR B 85 -14.82 -18.80 21.10
CA TYR B 85 -13.59 -18.73 20.31
C TYR B 85 -13.06 -17.32 20.20
N ILE B 86 -13.96 -16.37 19.97
CA ILE B 86 -13.57 -14.97 19.94
C ILE B 86 -12.87 -14.61 21.25
N ARG B 87 -13.48 -14.98 22.37
CA ARG B 87 -12.87 -14.59 23.66
C ARG B 87 -11.50 -15.23 23.91
N GLU B 88 -11.31 -16.48 23.46
CA GLU B 88 -9.99 -17.12 23.54
C GLU B 88 -8.96 -16.33 22.74
N ILE B 89 -9.34 -15.87 21.55
CA ILE B 89 -8.44 -15.08 20.72
C ILE B 89 -8.22 -13.69 21.32
N VAL B 90 -9.27 -13.11 21.91
CA VAL B 90 -9.15 -11.83 22.61
C VAL B 90 -8.11 -11.95 23.73
N LYS B 91 -8.17 -13.05 24.48
CA LYS B 91 -7.21 -13.30 25.55
C LYS B 91 -5.79 -13.26 25.01
N VAL B 92 -5.60 -13.91 23.86
CA VAL B 92 -4.28 -13.96 23.22
C VAL B 92 -3.80 -12.57 22.83
N ILE B 93 -4.66 -11.80 22.17
CA ILE B 93 -4.30 -10.46 21.74
C ILE B 93 -3.98 -9.56 22.94
N ARG B 94 -4.79 -9.66 23.99
CA ARG B 94 -4.56 -8.83 25.16
C ARG B 94 -3.33 -9.23 25.98
N THR B 95 -2.97 -10.50 25.91
CA THR B 95 -1.81 -11.02 26.63
C THR B 95 -0.53 -10.57 25.93
N TYR B 96 -0.52 -10.69 24.61
CA TYR B 96 0.70 -10.47 23.83
C TYR B 96 0.79 -9.09 23.20
N LYS B 97 -0.30 -8.34 23.30
CA LYS B 97 -0.35 -6.92 22.90
C LYS B 97 0.34 -6.61 21.56
N PRO B 98 -0.04 -7.32 20.50
CA PRO B 98 0.63 -7.14 19.20
C PRO B 98 0.30 -5.79 18.57
N LYS B 99 1.31 -5.16 17.98
CA LYS B 99 1.11 -3.94 17.22
C LYS B 99 0.38 -4.28 15.92
N LEU B 100 0.86 -5.30 15.22
CA LEU B 100 0.22 -5.78 14.02
C LEU B 100 -0.32 -7.17 14.22
N VAL B 101 -1.49 -7.44 13.64
CA VAL B 101 -2.00 -8.79 13.62
C VAL B 101 -2.20 -9.20 12.17
N PHE B 102 -1.83 -10.44 11.88
CA PHE B 102 -2.06 -11.02 10.57
C PHE B 102 -2.94 -12.23 10.71
N ALA B 103 -3.69 -12.51 9.65
CA ALA B 103 -4.51 -13.72 9.57
C ALA B 103 -4.65 -14.05 8.09
N PRO B 104 -5.12 -15.25 7.76
CA PRO B 104 -5.33 -15.63 6.36
C PRO B 104 -6.30 -14.70 5.66
N TYR B 105 -6.13 -14.57 4.35
CA TYR B 105 -7.09 -13.86 3.53
C TYR B 105 -8.28 -14.76 3.28
N TYR B 106 -9.48 -14.20 3.26
CA TYR B 106 -10.71 -15.02 3.20
C TYR B 106 -10.94 -15.72 1.86
N GLU B 107 -10.45 -15.13 0.77
CA GLU B 107 -10.66 -15.71 -0.55
C GLU B 107 -9.71 -16.89 -0.73
N ASP B 108 -10.13 -18.04 -0.23
CA ASP B 108 -9.28 -19.20 -0.09
C ASP B 108 -10.14 -20.45 -0.11
N ARG B 109 -9.71 -21.45 -0.88
CA ARG B 109 -10.44 -22.71 -1.07
C ARG B 109 -10.67 -23.48 0.23
N HIS B 110 -9.86 -23.19 1.25
CA HIS B 110 -10.02 -23.83 2.55
C HIS B 110 -10.82 -22.92 3.46
N PRO B 111 -12.05 -23.31 3.77
CA PRO B 111 -12.96 -22.46 4.55
C PRO B 111 -12.43 -22.09 5.93
N ASP B 112 -11.58 -22.92 6.53
CA ASP B 112 -10.99 -22.60 7.83
C ASP B 112 -10.21 -21.30 7.79
N HIS B 113 -9.65 -20.98 6.63
CA HIS B 113 -8.77 -19.82 6.51
C HIS B 113 -9.58 -18.54 6.63
N ALA B 114 -10.68 -18.45 5.87
CA ALA B 114 -11.65 -17.38 6.01
C ALA B 114 -12.21 -17.36 7.44
N ASN B 115 -12.58 -18.53 7.95
CA ASN B 115 -13.15 -18.64 9.29
C ASN B 115 -12.21 -18.14 10.36
N CYS B 116 -10.92 -18.47 10.21
CA CYS B 116 -9.89 -17.96 11.09
C CYS B 116 -9.84 -16.44 11.02
N ALA B 117 -9.74 -15.89 9.81
CA ALA B 117 -9.70 -14.44 9.62
C ALA B 117 -10.89 -13.72 10.25
N LYS B 118 -12.07 -14.30 10.08
CA LYS B 118 -13.31 -13.74 10.61
C LYS B 118 -13.26 -13.70 12.14
N LEU B 119 -12.88 -14.82 12.75
CA LEU B 119 -12.72 -14.88 14.20
C LEU B 119 -11.71 -13.86 14.71
N VAL B 120 -10.57 -13.79 14.03
CA VAL B 120 -9.49 -12.90 14.44
C VAL B 120 -9.93 -11.43 14.32
N GLU B 121 -10.62 -11.09 13.24
CA GLU B 121 -11.13 -9.74 13.05
C GLU B 121 -12.09 -9.33 14.18
N GLU B 122 -12.99 -10.22 14.54
CA GLU B 122 -13.93 -9.97 15.63
C GLU B 122 -13.17 -9.80 16.95
N ALA B 123 -12.17 -10.65 17.14
CA ALA B 123 -11.36 -10.63 18.35
C ALA B 123 -10.52 -9.35 18.46
N ILE B 124 -9.94 -8.91 17.33
CA ILE B 124 -9.15 -7.69 17.31
C ILE B 124 -10.01 -6.54 17.78
N PHE B 125 -11.22 -6.43 17.22
CA PHE B 125 -12.11 -5.35 17.59
C PHE B 125 -12.44 -5.40 19.08
N SER B 126 -12.84 -6.57 19.56
CA SER B 126 -13.23 -6.72 20.96
C SER B 126 -12.05 -6.60 21.93
N ALA B 127 -10.85 -6.93 21.46
CA ALA B 127 -9.64 -6.82 22.29
C ALA B 127 -9.43 -5.39 22.79
N GLY B 128 -9.83 -4.41 21.99
CA GLY B 128 -9.64 -3.01 22.32
C GLY B 128 -10.74 -2.43 23.21
N ILE B 129 -11.79 -3.22 23.44
CA ILE B 129 -12.95 -2.75 24.20
C ILE B 129 -12.81 -3.10 25.68
N ARG B 130 -12.55 -2.07 26.49
CA ARG B 130 -12.30 -2.23 27.92
C ARG B 130 -13.41 -3.00 28.65
N LYS B 131 -14.66 -2.63 28.37
CA LYS B 131 -15.81 -3.24 29.02
C LYS B 131 -16.02 -4.71 28.65
N TYR B 132 -15.50 -5.10 27.49
CA TYR B 132 -15.52 -6.50 27.09
C TYR B 132 -14.43 -7.25 27.83
N MET B 133 -14.81 -8.35 28.49
CA MET B 133 -13.87 -9.16 29.28
C MET B 133 -13.04 -8.23 30.17
N PRO B 134 -13.69 -7.53 31.10
CA PRO B 134 -13.05 -6.45 31.86
C PRO B 134 -11.98 -6.94 32.83
N GLU B 135 -11.93 -8.24 33.07
CA GLU B 135 -10.93 -8.84 33.94
C GLU B 135 -9.53 -8.78 33.31
N LEU B 136 -9.49 -8.64 31.99
CA LEU B 136 -8.21 -8.59 31.29
C LEU B 136 -8.03 -7.26 30.56
N SER B 137 -6.95 -6.57 30.89
CA SER B 137 -6.65 -5.26 30.30
C SER B 137 -6.75 -5.27 28.78
N PRO B 138 -7.41 -4.26 28.22
CA PRO B 138 -7.65 -4.20 26.79
C PRO B 138 -6.39 -3.88 26.01
N HIS B 139 -6.40 -4.21 24.73
CA HIS B 139 -5.31 -3.86 23.84
C HIS B 139 -5.82 -3.43 22.48
N ARG B 140 -5.31 -2.31 21.99
CA ARG B 140 -5.67 -1.84 20.66
C ARG B 140 -4.59 -2.22 19.65
N VAL B 141 -4.95 -3.12 18.74
CA VAL B 141 -4.09 -3.47 17.63
C VAL B 141 -4.06 -2.31 16.65
N GLU B 142 -2.86 -1.99 16.16
CA GLU B 142 -2.67 -0.86 15.24
C GLU B 142 -3.25 -1.17 13.86
N SER B 143 -2.84 -2.31 13.29
CA SER B 143 -3.28 -2.70 11.95
C SER B 143 -3.48 -4.19 11.84
N PHE B 144 -4.45 -4.58 11.01
CA PHE B 144 -4.77 -5.96 10.75
C PHE B 144 -4.57 -6.20 9.25
N TYR B 145 -3.73 -7.17 8.93
CA TYR B 145 -3.40 -7.49 7.55
C TYR B 145 -3.67 -8.96 7.29
N ASN B 146 -3.92 -9.29 6.03
CA ASN B 146 -4.14 -10.67 5.66
C ASN B 146 -3.03 -11.16 4.75
N TYR B 147 -2.54 -12.35 5.04
CA TYR B 147 -1.58 -13.01 4.17
C TYR B 147 -2.33 -14.03 3.35
N MET B 148 -1.69 -14.55 2.33
CA MET B 148 -2.35 -15.48 1.43
C MET B 148 -1.83 -16.88 1.62
N ILE B 149 -2.74 -17.84 1.71
CA ILE B 149 -2.33 -19.23 1.80
C ILE B 149 -2.54 -19.87 0.44
N ASN B 150 -3.76 -20.32 0.17
CA ASN B 150 -4.07 -20.90 -1.11
C ASN B 150 -4.36 -19.84 -2.15
N GLY B 151 -3.95 -20.11 -3.38
CA GLY B 151 -4.20 -19.19 -4.48
C GLY B 151 -3.44 -17.89 -4.36
N PHE B 152 -4.00 -16.85 -4.96
CA PHE B 152 -3.32 -15.58 -5.11
C PHE B 152 -4.36 -14.51 -5.40
N HIS B 153 -4.00 -13.28 -5.09
CA HIS B 153 -4.85 -12.13 -5.29
C HIS B 153 -3.91 -10.98 -5.55
N LYS B 154 -4.39 -9.95 -6.22
CA LYS B 154 -3.64 -8.72 -6.36
C LYS B 154 -3.41 -8.19 -4.94
N PRO B 155 -2.15 -8.18 -4.48
CA PRO B 155 -1.86 -7.74 -3.11
C PRO B 155 -2.07 -6.25 -2.96
N ASN B 156 -2.52 -5.82 -1.78
CA ASN B 156 -2.58 -4.40 -1.48
C ASN B 156 -1.17 -3.88 -1.23
N PHE B 157 -0.37 -4.70 -0.56
CA PHE B 157 1.03 -4.38 -0.38
C PHE B 157 1.90 -5.62 -0.38
N CYS B 158 3.19 -5.39 -0.60
CA CYS B 158 4.16 -6.48 -0.63
C CYS B 158 5.30 -6.22 0.32
N ILE B 159 5.92 -7.31 0.76
CA ILE B 159 7.16 -7.24 1.49
C ILE B 159 8.20 -8.00 0.67
N ASP B 160 9.30 -7.33 0.36
CA ASP B 160 10.43 -7.92 -0.32
C ASP B 160 11.05 -8.99 0.57
N ILE B 161 10.98 -10.25 0.14
CA ILE B 161 11.53 -11.36 0.90
C ILE B 161 12.63 -12.08 0.12
N SER B 162 13.23 -11.38 -0.84
CA SER B 162 14.24 -11.95 -1.74
C SER B 162 15.38 -12.63 -0.98
N GLU B 163 15.78 -12.02 0.13
CA GLU B 163 16.88 -12.54 0.96
C GLU B 163 16.42 -13.64 1.91
N TYR B 164 15.11 -13.81 2.01
CA TYR B 164 14.54 -14.71 3.02
C TYR B 164 13.72 -15.86 2.44
N LEU B 165 13.72 -15.98 1.12
CA LEU B 165 13.00 -17.07 0.44
C LEU B 165 13.51 -18.43 0.91
N SER B 166 14.83 -18.58 0.97
CA SER B 166 15.48 -19.81 1.46
C SER B 166 14.97 -20.21 2.85
N ILE B 167 14.88 -19.21 3.74
CA ILE B 167 14.36 -19.43 5.10
C ILE B 167 12.87 -19.81 5.05
N LYS B 168 12.10 -19.13 4.20
CA LYS B 168 10.69 -19.49 4.01
C LYS B 168 10.56 -20.95 3.56
N VAL B 169 11.35 -21.35 2.56
CA VAL B 169 11.32 -22.72 2.05
C VAL B 169 11.68 -23.72 3.16
N GLU B 170 12.73 -23.41 3.93
CA GLU B 170 13.12 -24.21 5.09
C GLU B 170 11.96 -24.33 6.09
N ALA B 171 11.29 -23.21 6.37
CA ALA B 171 10.16 -23.17 7.29
C ALA B 171 8.99 -24.01 6.79
N LEU B 172 8.73 -23.96 5.47
CA LEU B 172 7.70 -24.78 4.86
C LEU B 172 8.10 -26.25 4.89
N GLU B 173 9.34 -26.53 4.51
CA GLU B 173 9.86 -27.90 4.47
C GLU B 173 9.89 -28.57 5.85
N ALA B 174 9.86 -27.76 6.89
CA ALA B 174 9.72 -28.25 8.26
C ALA B 174 8.47 -29.11 8.39
N TYR B 175 7.46 -28.80 7.58
CA TYR B 175 6.22 -29.58 7.56
C TYR B 175 6.29 -30.71 6.54
N GLU B 176 7.29 -31.57 6.69
CA GLU B 176 7.48 -32.70 5.79
C GLU B 176 6.25 -33.60 5.73
N SER B 177 5.53 -33.71 6.84
CA SER B 177 4.30 -34.49 6.91
C SER B 177 3.20 -33.91 6.02
N GLN B 178 3.28 -32.60 5.74
CA GLN B 178 2.27 -31.92 4.94
C GLN B 178 2.60 -31.88 3.45
N PHE B 179 3.85 -31.53 3.12
CA PHE B 179 4.21 -31.19 1.75
C PHE B 179 4.90 -32.31 0.97
N SER B 180 5.12 -33.43 1.65
CA SER B 180 5.66 -34.63 1.02
C SER B 180 4.82 -35.83 1.43
N THR B 181 4.57 -36.73 0.47
CA THR B 181 3.84 -37.97 0.75
C THR B 181 4.63 -38.90 1.67
N GLY B 182 5.96 -38.84 1.59
CA GLY B 182 6.83 -39.67 2.39
C GLY B 182 6.85 -41.11 1.90
N SER B 183 6.42 -42.03 2.76
CA SER B 183 6.37 -43.46 2.42
C SER B 183 5.06 -44.11 2.81
N ASP B 184 4.26 -43.41 3.63
CA ASP B 184 2.98 -43.93 4.11
C ASP B 184 1.84 -42.94 3.87
N GLY B 185 2.18 -41.68 3.64
CA GLY B 185 1.21 -40.63 3.42
C GLY B 185 0.49 -40.70 2.08
N VAL B 186 -0.66 -40.03 2.00
CA VAL B 186 -1.47 -40.01 0.79
C VAL B 186 -1.31 -38.70 0.04
N LYS B 187 -1.59 -38.73 -1.26
CA LYS B 187 -1.51 -37.54 -2.11
C LYS B 187 -2.59 -36.52 -1.78
N THR B 188 -2.16 -35.27 -1.56
CA THR B 188 -3.05 -34.16 -1.24
C THR B 188 -2.65 -32.95 -2.09
N PRO B 189 -3.49 -31.92 -2.17
CA PRO B 189 -3.11 -30.64 -2.78
C PRO B 189 -1.78 -30.10 -2.24
N LEU B 190 -1.44 -30.48 -0.99
CA LEU B 190 -0.24 -29.99 -0.33
C LEU B 190 1.03 -30.76 -0.73
N THR B 191 0.86 -32.00 -1.20
CA THR B 191 2.01 -32.81 -1.62
C THR B 191 2.34 -32.62 -3.10
N GLU B 192 1.38 -32.14 -3.87
CA GLU B 192 1.53 -32.06 -5.33
C GLU B 192 2.00 -30.68 -5.81
N GLY B 193 3.30 -30.44 -5.66
CA GLY B 193 3.92 -29.19 -6.08
C GLY B 193 3.40 -27.94 -5.37
N TYR B 194 3.06 -28.09 -4.09
CA TYR B 194 2.51 -26.98 -3.33
C TYR B 194 3.56 -25.96 -2.91
N VAL B 195 4.66 -26.41 -2.34
CA VAL B 195 5.75 -25.51 -1.93
C VAL B 195 6.29 -24.77 -3.16
N GLU B 196 6.40 -25.49 -4.27
CA GLU B 196 6.82 -24.91 -5.54
C GLU B 196 5.86 -23.80 -5.97
N THR B 197 4.56 -24.02 -5.72
CA THR B 197 3.52 -23.03 -6.05
C THR B 197 3.64 -21.79 -5.16
N VAL B 198 3.91 -22.01 -3.88
CA VAL B 198 4.13 -20.91 -2.94
C VAL B 198 5.32 -20.04 -3.38
N ILE B 199 6.44 -20.68 -3.75
CA ILE B 199 7.61 -19.98 -4.29
C ILE B 199 7.24 -19.24 -5.57
N ALA B 200 6.48 -19.91 -6.43
CA ALA B 200 6.00 -19.35 -7.68
C ALA B 200 5.22 -18.07 -7.45
N ARG B 201 4.31 -18.09 -6.49
CA ARG B 201 3.50 -16.92 -6.18
C ARG B 201 4.39 -15.74 -5.76
N GLU B 202 5.32 -16.03 -4.85
CA GLU B 202 6.22 -15.02 -4.33
C GLU B 202 7.14 -14.46 -5.41
N LYS B 203 7.52 -15.31 -6.36
CA LYS B 203 8.23 -14.87 -7.56
C LYS B 203 7.37 -13.89 -8.36
N MET B 204 6.10 -14.23 -8.53
CA MET B 204 5.16 -13.40 -9.28
C MET B 204 4.96 -12.05 -8.61
N PHE B 205 4.72 -12.07 -7.31
CA PHE B 205 4.56 -10.85 -6.52
C PHE B 205 5.84 -10.05 -6.55
N GLY B 206 6.97 -10.74 -6.44
CA GLY B 206 8.29 -10.12 -6.55
C GLY B 206 8.43 -9.30 -7.81
N LYS B 207 8.20 -9.95 -8.96
CA LYS B 207 8.30 -9.30 -10.26
C LYS B 207 7.44 -8.05 -10.34
N GLU B 208 6.24 -8.14 -9.78
CA GLU B 208 5.28 -7.05 -9.78
C GLU B 208 5.82 -5.79 -9.10
N VAL B 209 6.64 -5.98 -8.07
CA VAL B 209 7.19 -4.85 -7.32
C VAL B 209 8.69 -4.64 -7.55
N GLY B 210 9.24 -5.38 -8.51
CA GLY B 210 10.61 -5.18 -8.97
C GLY B 210 11.67 -5.87 -8.15
N VAL B 211 11.28 -6.90 -7.41
CA VAL B 211 12.23 -7.70 -6.61
C VAL B 211 12.14 -9.17 -7.01
N LEU B 212 13.04 -9.99 -6.48
CA LEU B 212 13.07 -11.41 -6.84
C LEU B 212 11.87 -12.17 -6.26
N TYR B 213 11.64 -11.97 -4.96
CA TYR B 213 10.53 -12.61 -4.27
C TYR B 213 9.86 -11.63 -3.32
N ALA B 214 8.54 -11.56 -3.37
CA ALA B 214 7.80 -10.73 -2.44
C ALA B 214 6.58 -11.47 -1.92
N GLU B 215 6.27 -11.28 -0.65
CA GLU B 215 5.03 -11.78 -0.10
C GLU B 215 3.97 -10.70 -0.21
N GLY B 216 2.75 -11.13 -0.52
CA GLY B 216 1.65 -10.22 -0.77
C GLY B 216 0.69 -10.21 0.39
N PHE B 217 0.19 -9.02 0.70
CA PHE B 217 -0.72 -8.85 1.82
C PHE B 217 -1.91 -8.01 1.46
N MET B 218 -3.01 -8.27 2.15
CA MET B 218 -4.24 -7.52 1.95
C MET B 218 -4.47 -6.65 3.16
N SER B 219 -5.02 -5.47 2.92
CA SER B 219 -5.37 -4.55 3.99
C SER B 219 -6.69 -3.88 3.65
N LYS B 220 -7.64 -3.93 4.60
CA LYS B 220 -8.94 -3.31 4.40
C LYS B 220 -8.82 -1.79 4.33
N LYS B 221 -7.90 -1.22 5.11
CA LYS B 221 -7.64 0.21 5.05
C LYS B 221 -6.49 0.49 4.09
N PRO B 222 -6.43 1.70 3.52
CA PRO B 222 -5.28 2.07 2.69
C PRO B 222 -4.00 1.95 3.50
N VAL B 223 -2.94 1.50 2.84
CA VAL B 223 -1.63 1.41 3.46
C VAL B 223 -1.13 2.83 3.70
N LEU B 224 -0.62 3.09 4.91
CA LEU B 224 -0.06 4.38 5.23
C LEU B 224 1.45 4.35 4.96
N LEU B 225 1.87 5.16 4.00
CA LEU B 225 3.28 5.29 3.66
C LEU B 225 3.89 6.51 4.33
N HIS B 226 5.16 6.39 4.71
CA HIS B 226 5.91 7.48 5.30
C HIS B 226 7.34 7.42 4.80
N ALA B 227 8.06 6.40 5.22
CA ALA B 227 9.46 6.23 4.84
C ALA B 227 9.59 5.47 3.51
N ASP B 228 8.60 4.67 3.19
CA ASP B 228 8.68 3.77 2.03
C ASP B 228 8.29 4.42 0.71
N LEU B 229 7.78 5.65 0.76
CA LEU B 229 7.48 6.36 -0.47
C LEU B 229 8.77 6.62 -1.25
N LEU B 230 9.75 7.18 -0.56
CA LEU B 230 11.04 7.51 -1.19
C LEU B 230 12.21 6.71 -0.63
N GLY B 231 11.96 5.92 0.41
CA GLY B 231 12.97 5.06 0.99
C GLY B 231 13.95 5.78 1.89
N GLY B 232 15.09 5.34 2.05
ZN ZN C . -7.35 19.99 -13.86
C ACT D . -8.74 21.71 -12.44
O ACT D . -7.80 22.35 -12.95
OXT ACT D . -9.01 20.61 -12.95
CH3 ACT D . -9.50 22.23 -11.27
ZN ZN E . -4.51 -24.05 6.72
C ACT F . -3.04 -25.63 5.29
O ACT F . -4.08 -24.99 5.03
OXT ACT F . -2.88 -26.00 6.47
CH3 ACT F . -2.03 -25.95 4.22
#